data_2CO7
#
_entry.id   2CO7
#
_cell.length_a   114.388
_cell.length_b   40.595
_cell.length_c   72.039
_cell.angle_alpha   90.00
_cell.angle_beta   95.82
_cell.angle_gamma   90.00
#
_symmetry.space_group_name_H-M   'C 1 2 1'
#
loop_
_entity.id
_entity.type
_entity.pdbx_description
1 polymer 'SAFA PILUS SUBUNIT'
2 polymer 'PUTATIVE FIMBRIAE ASSEMBLY CHAPERONE'
3 non-polymer 'SULFATE ION'
4 water water
#
loop_
_entity_poly.entity_id
_entity_poly.type
_entity_poly.pdbx_seq_one_letter_code
_entity_poly.pdbx_strand_id
1 'polypeptide(L)'
;GSPQDLTVSLIPVSGLKAGKNAPSAKIAKLVVNSTTLKEFGVRGISNNVVDSTGTAWRVAGKNTGKEIGVGLSSDSLRRS
DSTEKWNGVNWMTFNSNDTLDIVLTGPAQNVTADTYPITLDVVGYQP
;
A
2 'polypeptide(L)'
;VNQQLNSATKLFSVKLGATRVIYHAGTAGATLSVSNPQNYPILVQSSVKAADKSSPAPFLVMPPLFRLEANQQSQLRIVR
TGGDMPTDRETLQWVCIKAVPPENEPSDTQAKGATLDLNLSINACDKLIFRPDAVKGTPEDVAGNLRWVETGNKLKVENP
TPFYMNLASVTVGGKPITGLEYVPPFADKTLNMPGSAHGDIEWRVITDFGGESHPFHYVLK
;
B
#
# COMPACT_ATOMS: atom_id res chain seq x y z
N PRO A 3 12.76 5.12 -5.18
CA PRO A 3 12.58 4.79 -3.78
C PRO A 3 11.25 4.11 -3.60
N GLN A 4 11.30 2.82 -3.24
CA GLN A 4 10.06 2.07 -3.00
C GLN A 4 9.35 2.64 -1.80
N ASP A 5 10.13 3.08 -0.83
CA ASP A 5 9.56 3.49 0.45
C ASP A 5 8.65 4.68 0.29
N LEU A 6 7.56 4.66 1.05
CA LEU A 6 6.63 5.76 1.12
C LEU A 6 7.28 6.97 1.77
N THR A 7 7.24 8.08 1.03
CA THR A 7 7.53 9.39 1.56
C THR A 7 6.30 10.27 1.33
N VAL A 8 5.83 10.90 2.40
CA VAL A 8 4.59 11.66 2.34
C VAL A 8 4.90 13.08 2.78
N SER A 9 4.33 14.04 2.06
CA SER A 9 4.51 15.46 2.37
C SER A 9 3.15 16.10 2.53
N LEU A 10 3.01 16.90 3.57
CA LEU A 10 1.83 17.72 3.74
C LEU A 10 2.33 19.17 3.77
N ILE A 11 1.95 19.94 2.74
CA ILE A 11 2.50 21.25 2.47
C ILE A 11 1.39 22.32 2.64
N PRO A 12 1.62 23.32 3.52
CA PRO A 12 0.63 24.38 3.74
C PRO A 12 0.51 25.23 2.49
N VAL A 13 -0.70 25.74 2.22
CA VAL A 13 -0.99 26.57 1.05
C VAL A 13 -1.23 28.03 1.46
N LYS A 20 -13.05 35.34 7.28
CA LYS A 20 -13.92 34.95 6.15
C LYS A 20 -13.07 34.48 4.98
N ASN A 21 -13.18 33.18 4.66
CA ASN A 21 -12.37 32.59 3.57
C ASN A 21 -13.17 32.32 2.31
N ALA A 22 -12.45 32.18 1.19
CA ALA A 22 -13.05 31.88 -0.10
C ALA A 22 -13.75 30.51 -0.08
N PRO A 23 -14.83 30.37 -0.88
CA PRO A 23 -15.45 29.06 -1.05
C PRO A 23 -14.43 28.01 -1.47
N SER A 24 -14.40 26.89 -0.75
CA SER A 24 -13.48 25.80 -1.06
C SER A 24 -12.01 26.23 -1.09
N ALA A 25 -11.66 27.25 -0.30
CA ALA A 25 -10.29 27.74 -0.18
C ALA A 25 -9.33 26.58 0.11
N LYS A 26 -8.25 26.49 -0.68
CA LYS A 26 -7.24 25.45 -0.46
C LYS A 26 -6.34 25.81 0.71
N ILE A 27 -6.05 24.82 1.56
CA ILE A 27 -5.32 25.07 2.80
C ILE A 27 -4.05 24.20 2.95
N ALA A 28 -4.04 23.05 2.28
CA ALA A 28 -2.88 22.14 2.32
C ALA A 28 -2.83 21.24 1.08
N LYS A 29 -1.66 20.66 0.85
CA LYS A 29 -1.38 19.84 -0.31
C LYS A 29 -0.69 18.59 0.16
N LEU A 30 -1.23 17.46 -0.28
CA LEU A 30 -0.71 16.14 0.08
C LEU A 30 -0.04 15.51 -1.14
N VAL A 31 1.21 15.11 -0.95
CA VAL A 31 1.95 14.36 -1.96
C VAL A 31 2.46 13.05 -1.36
N VAL A 32 2.21 11.94 -2.06
CA VAL A 32 2.69 10.66 -1.62
C VAL A 32 3.62 10.15 -2.72
N ASN A 33 4.86 9.86 -2.34
CA ASN A 33 5.84 9.40 -3.32
C ASN A 33 6.35 7.99 -3.04
N SER A 34 6.45 7.20 -4.10
CA SER A 34 7.10 5.90 -4.06
C SER A 34 7.26 5.52 -5.53
N THR A 35 8.41 4.91 -5.85
CA THR A 35 8.68 4.38 -7.20
C THR A 35 8.03 3.02 -7.48
N THR A 36 7.47 2.40 -6.43
CA THR A 36 6.92 1.06 -6.56
C THR A 36 5.41 1.01 -6.27
N LEU A 37 4.90 1.89 -5.39
CA LEU A 37 3.46 1.87 -5.10
C LEU A 37 2.69 2.20 -6.35
N LYS A 38 1.56 1.53 -6.51
CA LYS A 38 0.60 1.91 -7.55
C LYS A 38 -0.43 2.88 -7.02
N GLU A 39 -0.88 2.63 -5.79
CA GLU A 39 -1.94 3.43 -5.19
C GLU A 39 -1.71 3.62 -3.69
N PHE A 40 -2.35 4.64 -3.13
CA PHE A 40 -2.39 4.78 -1.67
C PHE A 40 -3.78 5.12 -1.17
N GLY A 41 -4.02 4.92 0.13
CA GLY A 41 -5.24 5.32 0.78
C GLY A 41 -4.89 6.48 1.68
N VAL A 42 -5.83 7.41 1.85
CA VAL A 42 -5.65 8.51 2.82
C VAL A 42 -6.95 8.84 3.54
N ARG A 43 -6.86 9.04 4.86
CA ARG A 43 -8.02 9.47 5.67
C ARG A 43 -7.56 10.61 6.56
N GLY A 44 -8.47 11.54 6.84
CA GLY A 44 -8.23 12.53 7.87
C GLY A 44 -8.49 11.92 9.23
N ILE A 45 -7.70 12.34 10.23
CA ILE A 45 -7.84 11.84 11.60
C ILE A 45 -8.37 12.96 12.44
N SER A 46 -9.49 12.69 13.09
CA SER A 46 -10.16 13.70 13.88
C SER A 46 -10.95 13.08 15.02
N ASN A 47 -11.28 13.90 16.00
CA ASN A 47 -12.35 13.59 16.94
C ASN A 47 -13.75 13.72 16.30
N ASN A 48 -13.88 14.63 15.35
CA ASN A 48 -15.14 14.92 14.65
C ASN A 48 -15.05 14.67 13.13
N VAL A 49 -15.11 13.40 12.73
CA VAL A 49 -15.05 12.99 11.33
C VAL A 49 -16.47 12.92 10.73
N VAL A 50 -16.63 13.42 9.50
CA VAL A 50 -17.96 13.64 8.91
C VAL A 50 -18.26 12.83 7.62
N ASP A 51 -17.80 11.57 7.60
CA ASP A 51 -18.25 10.53 6.64
C ASP A 51 -17.48 9.20 6.78
N SER A 52 -18.01 8.15 6.15
CA SER A 52 -17.43 6.81 6.17
C SER A 52 -15.95 6.76 5.82
N THR A 53 -15.54 7.60 4.86
CA THR A 53 -14.20 7.47 4.31
C THR A 53 -13.16 8.41 4.91
N GLY A 54 -13.60 9.28 5.81
CA GLY A 54 -12.69 10.23 6.47
C GLY A 54 -12.13 11.25 5.48
N THR A 55 -12.91 11.60 4.47
CA THR A 55 -12.40 12.55 3.48
C THR A 55 -12.95 13.95 3.68
N ALA A 56 -13.81 14.09 4.69
CA ALA A 56 -14.28 15.38 5.16
C ALA A 56 -14.41 15.27 6.67
N TRP A 57 -13.90 16.27 7.40
CA TRP A 57 -13.92 16.24 8.86
C TRP A 57 -13.81 17.65 9.47
N ARG A 58 -14.06 17.75 10.78
CA ARG A 58 -14.01 19.02 11.46
C ARG A 58 -12.78 19.14 12.35
N VAL A 59 -12.19 20.31 12.38
CA VAL A 59 -10.90 20.55 13.02
C VAL A 59 -10.96 21.73 14.03
N ALA A 60 -10.51 21.47 15.27
CA ALA A 60 -10.65 22.39 16.40
C ALA A 60 -9.37 23.19 16.68
N GLY A 61 -9.46 24.51 16.61
CA GLY A 61 -8.29 25.39 16.71
C GLY A 61 -7.44 25.21 17.95
N ILE A 68 -13.41 24.38 12.25
CA ILE A 68 -13.53 24.55 10.80
C ILE A 68 -13.70 23.21 10.08
N GLY A 69 -14.48 23.24 9.00
CA GLY A 69 -14.71 22.06 8.16
C GLY A 69 -13.65 21.92 7.09
N VAL A 70 -12.93 20.80 7.12
CA VAL A 70 -11.89 20.56 6.12
C VAL A 70 -12.10 19.23 5.40
N GLY A 71 -11.40 19.05 4.27
CA GLY A 71 -11.51 17.82 3.49
C GLY A 71 -10.83 17.89 2.13
N LEU A 72 -10.84 16.76 1.42
CA LEU A 72 -10.31 16.75 0.06
CA LEU A 72 -10.32 16.72 0.05
C LEU A 72 -11.20 17.55 -0.88
N SER A 73 -10.59 18.22 -1.86
CA SER A 73 -11.38 19.02 -2.82
C SER A 73 -12.19 18.09 -3.71
N SER A 74 -13.22 18.63 -4.37
CA SER A 74 -14.02 17.82 -5.29
C SER A 74 -13.16 17.32 -6.45
N ASP A 75 -12.24 18.16 -6.94
CA ASP A 75 -11.29 17.77 -8.00
C ASP A 75 -10.37 16.63 -7.54
N SER A 76 -9.96 16.63 -6.27
CA SER A 76 -9.13 15.53 -5.73
C SER A 76 -9.96 14.26 -5.56
N LEU A 77 -11.16 14.40 -5.00
CA LEU A 77 -12.08 13.26 -4.83
C LEU A 77 -12.40 12.58 -6.15
N ARG A 78 -12.50 13.37 -7.23
CA ARG A 78 -12.78 12.88 -8.60
C ARG A 78 -11.73 11.88 -9.08
N ARG A 79 -10.51 12.04 -8.60
CA ARG A 79 -9.37 11.24 -9.01
C ARG A 79 -9.27 9.89 -8.27
N SER A 80 -10.14 9.63 -7.30
CA SER A 80 -10.08 8.35 -6.55
C SER A 80 -10.31 7.15 -7.45
N ASP A 81 -9.45 6.14 -7.32
CA ASP A 81 -9.53 4.91 -8.09
C ASP A 81 -10.68 4.04 -7.58
N SER A 82 -10.84 4.00 -6.27
CA SER A 82 -11.82 3.11 -5.66
C SER A 82 -11.99 3.48 -4.19
N THR A 83 -13.01 2.89 -3.57
CA THR A 83 -13.13 2.90 -2.13
C THR A 83 -13.05 1.46 -1.66
N GLU A 84 -12.15 1.22 -0.72
CA GLU A 84 -11.88 -0.14 -0.23
C GLU A 84 -12.11 -0.21 1.26
N LYS A 85 -12.71 -1.30 1.70
CA LYS A 85 -12.76 -1.57 3.14
C LYS A 85 -11.57 -2.42 3.58
N TRP A 86 -10.66 -1.81 4.32
CA TRP A 86 -9.45 -2.48 4.79
C TRP A 86 -9.44 -2.39 6.29
N ASN A 87 -9.31 -3.55 6.91
CA ASN A 87 -9.28 -3.70 8.35
C ASN A 87 -10.40 -2.94 9.06
N GLY A 88 -11.61 -3.02 8.50
CA GLY A 88 -12.83 -2.55 9.15
C GLY A 88 -13.20 -1.12 8.83
N VAL A 89 -12.35 -0.45 8.04
CA VAL A 89 -12.44 0.99 7.77
C VAL A 89 -12.44 1.25 6.25
N ASN A 90 -13.31 2.16 5.77
CA ASN A 90 -13.33 2.58 4.35
C ASN A 90 -12.26 3.62 4.05
N TRP A 91 -11.56 3.41 2.94
CA TRP A 91 -10.49 4.31 2.46
C TRP A 91 -10.71 4.60 1.00
N MET A 92 -10.58 5.86 0.61
CA MET A 92 -10.53 6.19 -0.80
CA MET A 92 -10.52 6.18 -0.80
C MET A 92 -9.09 6.02 -1.27
N THR A 93 -8.91 5.39 -2.43
CA THR A 93 -7.57 5.12 -2.93
C THR A 93 -7.27 6.06 -4.09
N PHE A 94 -5.98 6.36 -4.26
CA PHE A 94 -5.56 7.34 -5.29
C PHE A 94 -4.28 6.83 -5.89
N ASN A 95 -4.09 7.17 -7.15
CA ASN A 95 -2.87 6.94 -7.88
C ASN A 95 -1.66 7.52 -7.13
N SER A 96 -0.61 6.72 -6.97
CA SER A 96 0.59 7.16 -6.26
CA SER A 96 0.55 7.18 -6.24
C SER A 96 1.25 8.33 -6.98
N ASN A 97 2.02 9.11 -6.23
CA ASN A 97 2.76 10.29 -6.74
C ASN A 97 1.83 11.48 -7.04
N ASP A 98 0.53 11.23 -6.87
CA ASP A 98 -0.53 12.27 -6.92
C ASP A 98 -0.34 13.34 -5.92
N THR A 99 -0.87 14.50 -6.27
CA THR A 99 -1.04 15.56 -5.33
C THR A 99 -2.53 15.72 -5.12
N LEU A 100 -2.93 15.75 -3.86
CA LEU A 100 -4.31 15.97 -3.48
C LEU A 100 -4.40 17.30 -2.73
N ASP A 101 -5.53 17.97 -2.88
CA ASP A 101 -5.77 19.23 -2.19
C ASP A 101 -6.71 19.09 -1.01
N ILE A 102 -6.35 19.73 0.09
CA ILE A 102 -7.19 19.82 1.27
C ILE A 102 -7.79 21.23 1.26
N VAL A 103 -9.11 21.31 1.41
CA VAL A 103 -9.81 22.59 1.31
C VAL A 103 -10.63 22.83 2.56
N LEU A 104 -11.07 24.06 2.76
CA LEU A 104 -12.16 24.33 3.70
C LEU A 104 -13.40 23.96 2.92
N THR A 105 -14.15 22.98 3.42
CA THR A 105 -15.28 22.46 2.67
C THR A 105 -16.55 23.30 2.82
N GLY A 106 -17.54 23.01 1.98
CA GLY A 106 -18.84 23.67 2.03
C GLY A 106 -18.75 25.12 1.57
N PRO A 107 -19.64 25.98 2.08
CA PRO A 107 -19.65 27.40 1.69
C PRO A 107 -18.51 28.18 2.37
N ALA A 108 -18.30 29.42 1.95
CA ALA A 108 -17.31 30.28 2.59
C ALA A 108 -17.45 30.21 4.11
N GLN A 109 -16.34 29.85 4.79
CA GLN A 109 -16.32 29.74 6.26
C GLN A 109 -15.61 30.95 6.85
N ASN A 110 -16.04 31.40 8.03
CA ASN A 110 -15.44 32.62 8.65
C ASN A 110 -14.14 32.29 9.41
N THR A 112 -11.26 32.29 12.59
CA THR A 112 -10.73 32.60 13.91
C THR A 112 -9.20 32.53 13.95
N ALA A 113 -8.58 33.65 14.36
CA ALA A 113 -7.13 33.74 14.52
C ALA A 113 -6.65 32.70 15.52
N ASP A 114 -6.07 31.63 15.00
CA ASP A 114 -5.70 30.46 15.79
C ASP A 114 -4.76 29.55 14.98
N THR A 115 -4.23 28.52 15.64
CA THR A 115 -3.49 27.40 15.01
C THR A 115 -4.43 26.20 14.96
N TYR A 116 -4.59 25.58 13.77
CA TYR A 116 -5.49 24.43 13.60
C TYR A 116 -4.73 23.15 13.23
N PRO A 117 -5.06 22.03 13.91
CA PRO A 117 -4.34 20.78 13.71
C PRO A 117 -4.96 19.94 12.59
N ILE A 118 -4.15 19.57 11.61
CA ILE A 118 -4.63 18.71 10.55
C ILE A 118 -3.78 17.45 10.53
N THR A 119 -4.45 16.31 10.67
CA THR A 119 -3.75 15.03 10.70
C THR A 119 -4.30 14.08 9.64
N LEU A 120 -3.39 13.62 8.77
CA LEU A 120 -3.72 12.62 7.74
C LEU A 120 -3.00 11.32 7.98
N ASP A 121 -3.70 10.20 7.77
CA ASP A 121 -3.15 8.86 7.86
C ASP A 121 -3.10 8.27 6.45
N VAL A 122 -1.94 7.77 6.04
CA VAL A 122 -1.74 7.27 4.66
C VAL A 122 -1.35 5.78 4.75
N VAL A 123 -1.88 4.97 3.82
CA VAL A 123 -1.49 3.57 3.75
C VAL A 123 -1.10 3.24 2.32
N GLY A 124 -0.06 2.42 2.16
CA GLY A 124 0.31 1.89 0.84
C GLY A 124 0.59 0.40 0.95
N TYR A 125 -0.04 -0.38 0.07
CA TYR A 125 0.22 -1.83 -0.07
C TYR A 125 1.10 -2.05 -1.29
N GLN A 126 2.32 -2.51 -1.04
CA GLN A 126 3.32 -2.64 -2.13
C GLN A 126 2.93 -3.78 -3.08
N PRO A 127 3.00 -3.53 -4.42
CA PRO A 127 2.90 -4.59 -5.44
C PRO A 127 3.97 -5.70 -5.27
N ALA B 8 7.23 25.04 7.16
CA ALA B 8 6.07 24.35 7.79
C ALA B 8 5.53 23.18 6.96
N THR B 9 6.30 22.71 5.97
CA THR B 9 5.95 21.43 5.31
C THR B 9 6.26 20.28 6.28
N LYS B 10 5.30 19.36 6.44
CA LYS B 10 5.55 18.14 7.19
C LYS B 10 5.92 17.03 6.23
N LEU B 11 7.10 16.45 6.47
CA LEU B 11 7.58 15.33 5.70
C LEU B 11 7.62 14.13 6.61
N PHE B 12 7.29 12.97 6.06
CA PHE B 12 7.32 11.75 6.86
C PHE B 12 7.50 10.52 6.01
N SER B 13 8.36 9.60 6.48
CA SER B 13 8.70 8.40 5.75
C SER B 13 9.04 7.25 6.72
N VAL B 14 8.92 6.01 6.25
CA VAL B 14 9.44 4.83 6.97
C VAL B 14 10.15 3.97 5.93
N LYS B 15 11.25 3.30 6.30
CA LYS B 15 11.99 2.51 5.32
C LYS B 15 11.86 1.04 5.67
N LEU B 16 11.48 0.20 4.72
CA LEU B 16 11.49 -1.25 4.93
C LEU B 16 12.59 -1.84 4.07
N GLY B 17 13.19 -2.91 4.54
CA GLY B 17 14.33 -3.48 3.84
C GLY B 17 14.05 -4.15 2.51
N ALA B 18 12.80 -4.47 2.28
CA ALA B 18 12.38 -5.17 1.07
C ALA B 18 10.91 -4.78 0.80
N THR B 19 10.41 -5.12 -0.40
CA THR B 19 9.03 -4.87 -0.82
C THR B 19 8.15 -6.12 -0.64
N ARG B 20 8.77 -7.28 -0.46
CA ARG B 20 8.04 -8.50 -0.08
C ARG B 20 8.91 -9.33 0.84
N VAL B 21 8.29 -10.29 1.53
CA VAL B 21 9.02 -11.21 2.38
C VAL B 21 8.50 -12.57 1.94
N ILE B 22 9.39 -13.46 1.53
CA ILE B 22 8.96 -14.82 1.17
C ILE B 22 9.25 -15.70 2.40
N TYR B 23 8.21 -16.36 2.88
CA TYR B 23 8.29 -17.22 4.07
C TYR B 23 8.29 -18.66 3.65
N HIS B 24 9.48 -19.27 3.67
CA HIS B 24 9.65 -20.67 3.25
C HIS B 24 9.23 -21.55 4.41
N ALA B 25 8.29 -22.45 4.17
CA ALA B 25 7.69 -23.27 5.23
C ALA B 25 8.66 -23.96 6.21
N GLY B 26 9.74 -24.56 5.70
CA GLY B 26 10.69 -25.28 6.57
C GLY B 26 11.52 -24.42 7.52
N THR B 27 11.54 -23.12 7.28
CA THR B 27 12.37 -22.20 8.06
C THR B 27 11.85 -21.89 9.47
N ALA B 28 12.71 -21.30 10.30
CA ALA B 28 12.35 -20.97 11.70
C ALA B 28 11.64 -19.61 11.72
N GLY B 29 11.78 -18.88 10.64
CA GLY B 29 11.16 -17.56 10.57
C GLY B 29 11.85 -16.67 9.53
N ALA B 30 11.29 -15.47 9.35
CA ALA B 30 11.79 -14.53 8.36
C ALA B 30 12.12 -13.22 9.07
N THR B 31 12.79 -12.32 8.35
CA THR B 31 13.11 -11.02 8.95
C THR B 31 12.81 -9.93 7.98
N LEU B 32 12.61 -8.73 8.52
CA LEU B 32 12.35 -7.55 7.67
C LEU B 32 12.97 -6.35 8.40
N SER B 33 13.91 -5.66 7.75
CA SER B 33 14.54 -4.49 8.37
CA SER B 33 14.52 -4.49 8.41
C SER B 33 13.56 -3.30 8.32
N VAL B 34 13.55 -2.48 9.36
CA VAL B 34 12.77 -1.24 9.37
C VAL B 34 13.70 -0.14 9.88
N SER B 35 13.72 0.99 9.18
CA SER B 35 14.54 2.13 9.59
C SER B 35 13.71 3.39 9.68
N ASN B 36 14.12 4.27 10.59
CA ASN B 36 13.50 5.59 10.79
C ASN B 36 14.34 6.66 10.09
N PRO B 37 13.89 7.17 8.94
CA PRO B 37 14.64 8.24 8.24
C PRO B 37 14.63 9.61 8.91
N GLN B 38 13.76 9.79 9.90
CA GLN B 38 13.60 11.07 10.57
C GLN B 38 14.70 11.29 11.58
N ASN B 39 15.03 12.57 11.79
CA ASN B 39 16.02 12.97 12.77
C ASN B 39 15.39 13.20 14.14
N TYR B 40 14.44 12.34 14.49
CA TYR B 40 13.75 12.37 15.77
C TYR B 40 13.07 11.00 15.96
N PRO B 41 12.67 10.66 17.19
CA PRO B 41 12.14 9.31 17.46
C PRO B 41 10.71 9.13 16.90
N ILE B 42 10.41 7.91 16.48
CA ILE B 42 9.07 7.53 16.04
C ILE B 42 8.60 6.27 16.76
N LEU B 43 7.29 6.11 16.83
CA LEU B 43 6.70 4.90 17.39
C LEU B 43 6.29 3.99 16.22
N VAL B 44 6.49 2.70 16.38
CA VAL B 44 6.20 1.76 15.31
C VAL B 44 5.35 0.60 15.84
N GLN B 45 4.38 0.19 15.03
CA GLN B 45 3.57 -0.99 15.30
C GLN B 45 3.66 -1.88 14.07
N SER B 46 3.91 -3.16 14.28
CA SER B 46 3.88 -4.11 13.19
CA SER B 46 3.90 -4.11 13.21
C SER B 46 2.78 -5.12 13.43
N SER B 47 2.08 -5.44 12.36
CA SER B 47 1.00 -6.42 12.37
C SER B 47 1.04 -7.28 11.10
N VAL B 48 0.46 -8.49 11.13
CA VAL B 48 0.24 -9.31 9.91
C VAL B 48 -1.26 -9.49 9.68
N LYS B 49 -1.73 -9.25 8.46
CA LYS B 49 -3.16 -9.45 8.14
C LYS B 49 -3.25 -10.50 7.04
N ALA B 50 -4.42 -11.11 6.90
CA ALA B 50 -4.61 -12.13 5.87
C ALA B 50 -4.62 -11.43 4.49
N ALA B 51 -4.70 -12.21 3.41
CA ALA B 51 -4.72 -11.61 2.04
C ALA B 51 -5.78 -10.52 1.85
N ASP B 52 -6.94 -10.64 2.53
CA ASP B 52 -8.03 -9.65 2.38
C ASP B 52 -7.79 -8.31 3.11
N LYS B 53 -6.60 -8.22 3.70
CA LYS B 53 -6.08 -7.03 4.43
C LYS B 53 -6.80 -6.71 5.74
N SER B 54 -7.63 -7.63 6.23
CA SER B 54 -8.54 -7.34 7.33
C SER B 54 -8.60 -8.46 8.34
N SER B 55 -8.58 -9.69 7.85
CA SER B 55 -8.75 -10.86 8.69
C SER B 55 -7.39 -11.15 9.35
N PRO B 56 -7.40 -11.86 10.49
CA PRO B 56 -6.13 -12.25 11.12
C PRO B 56 -5.36 -13.30 10.32
N ALA B 57 -4.06 -13.36 10.56
CA ALA B 57 -3.18 -14.34 9.92
C ALA B 57 -2.35 -15.02 11.01
N PRO B 58 -1.95 -16.29 10.78
CA PRO B 58 -1.30 -17.08 11.83
C PRO B 58 0.19 -16.74 11.89
N PHE B 59 0.50 -15.45 11.99
CA PHE B 59 1.90 -15.02 12.13
C PHE B 59 2.01 -14.00 13.21
N LEU B 60 3.19 -13.90 13.80
CA LEU B 60 3.47 -12.90 14.80
C LEU B 60 4.70 -12.14 14.35
N VAL B 61 4.69 -10.84 14.53
CA VAL B 61 5.87 -10.02 14.30
C VAL B 61 6.39 -9.54 15.63
N MET B 62 7.71 -9.66 15.79
CA MET B 62 8.43 -9.32 17.03
CA MET B 62 8.37 -9.27 17.00
C MET B 62 9.54 -8.31 16.78
N PRO B 63 9.53 -7.18 17.50
CA PRO B 63 8.52 -6.74 18.48
C PRO B 63 7.30 -6.17 17.74
N PRO B 64 6.07 -6.36 18.27
CA PRO B 64 4.86 -5.76 17.67
C PRO B 64 4.77 -4.25 17.89
N LEU B 65 5.42 -3.76 18.94
CA LEU B 65 5.38 -2.37 19.35
C LEU B 65 6.78 -1.92 19.77
N PHE B 66 7.32 -0.88 19.13
CA PHE B 66 8.67 -0.42 19.49
C PHE B 66 8.87 1.05 19.14
N ARG B 67 9.94 1.63 19.65
CA ARG B 67 10.26 3.02 19.38
C ARG B 67 11.56 2.96 18.61
N LEU B 68 11.65 3.75 17.54
CA LEU B 68 12.93 3.96 16.85
C LEU B 68 13.50 5.34 17.14
N GLU B 69 14.78 5.40 17.54
CA GLU B 69 15.46 6.67 17.67
C GLU B 69 15.68 7.26 16.28
N ALA B 70 16.08 8.52 16.24
CA ALA B 70 16.47 9.23 15.01
C ALA B 70 17.38 8.28 14.24
N ASN B 71 17.05 8.06 12.97
CA ASN B 71 17.90 7.29 12.02
C ASN B 71 18.19 5.84 12.42
N GLN B 72 17.45 5.30 13.38
CA GLN B 72 17.69 3.94 13.83
C GLN B 72 17.22 2.89 12.84
N GLN B 73 18.01 1.84 12.71
CA GLN B 73 17.63 0.69 11.87
C GLN B 73 17.54 -0.53 12.79
N SER B 74 16.49 -1.31 12.58
CA SER B 74 16.16 -2.44 13.43
C SER B 74 15.67 -3.59 12.53
N GLN B 75 15.57 -4.78 13.10
CA GLN B 75 15.03 -5.94 12.41
C GLN B 75 13.77 -6.42 13.09
N LEU B 76 12.79 -6.78 12.29
CA LEU B 76 11.62 -7.41 12.82
C LEU B 76 11.74 -8.87 12.51
N ARG B 77 11.35 -9.72 13.45
CA ARG B 77 11.28 -11.15 13.21
C ARG B 77 9.84 -11.53 12.95
N ILE B 78 9.59 -12.31 11.90
CA ILE B 78 8.23 -12.76 11.58
C ILE B 78 8.20 -14.29 11.70
N VAL B 79 7.26 -14.84 12.47
CA VAL B 79 7.25 -16.30 12.72
C VAL B 79 5.82 -16.82 12.57
N ARG B 80 5.66 -17.93 11.83
CA ARG B 80 4.36 -18.60 11.78
C ARG B 80 4.00 -19.18 13.14
N THR B 81 2.77 -18.97 13.60
CA THR B 81 2.42 -19.49 14.95
C THR B 81 1.46 -20.62 15.05
N GLY B 82 0.92 -21.07 13.91
CA GLY B 82 -0.03 -22.19 13.86
C GLY B 82 -0.72 -22.07 12.50
N GLY B 83 -2.06 -22.10 12.49
CA GLY B 83 -2.80 -21.92 11.23
C GLY B 83 -3.00 -23.23 10.49
N ASP B 84 -3.88 -23.23 9.51
CA ASP B 84 -4.04 -24.42 8.68
C ASP B 84 -3.93 -24.03 7.22
N MET B 85 -2.78 -23.46 6.90
CA MET B 85 -2.49 -23.08 5.53
C MET B 85 -2.37 -24.27 4.58
N PRO B 86 -2.85 -24.11 3.34
CA PRO B 86 -2.73 -25.21 2.38
C PRO B 86 -1.29 -25.65 2.17
N THR B 87 -1.12 -26.89 1.71
CA THR B 87 0.21 -27.44 1.51
C THR B 87 0.59 -27.45 0.03
N ASP B 88 -0.37 -27.16 -0.86
CA ASP B 88 -0.19 -27.34 -2.32
C ASP B 88 -0.18 -26.03 -3.11
N ARG B 89 -0.20 -24.91 -2.41
CA ARG B 89 -0.17 -23.60 -3.05
C ARG B 89 0.31 -22.59 -2.01
N GLU B 90 0.85 -21.48 -2.50
CA GLU B 90 1.16 -20.33 -1.63
C GLU B 90 -0.10 -19.72 -0.98
N THR B 91 0.13 -19.00 0.12
CA THR B 91 -0.89 -18.28 0.85
C THR B 91 -0.29 -16.91 1.12
N LEU B 92 -1.03 -15.87 0.76
CA LEU B 92 -0.54 -14.52 0.87
C LEU B 92 -1.07 -13.87 2.14
N GLN B 93 -0.19 -13.14 2.81
CA GLN B 93 -0.57 -12.26 3.93
C GLN B 93 0.06 -10.87 3.65
N TRP B 94 -0.21 -9.90 4.53
CA TRP B 94 0.41 -8.60 4.47
C TRP B 94 1.05 -8.30 5.81
N VAL B 95 2.31 -7.88 5.76
CA VAL B 95 3.02 -7.41 6.96
C VAL B 95 3.07 -5.88 6.83
N CYS B 96 2.48 -5.22 7.83
CA CYS B 96 2.27 -3.78 7.81
C CYS B 96 3.02 -3.13 8.97
N ILE B 97 3.60 -1.98 8.67
CA ILE B 97 4.41 -1.22 9.61
C ILE B 97 3.73 0.12 9.71
N LYS B 98 3.19 0.44 10.88
CA LYS B 98 2.58 1.75 11.16
C LYS B 98 3.60 2.61 11.89
N ALA B 99 3.83 3.80 11.35
CA ALA B 99 4.84 4.71 11.93
C ALA B 99 4.14 6.01 12.29
N VAL B 100 4.42 6.47 13.50
CA VAL B 100 3.72 7.59 14.11
C VAL B 100 4.76 8.57 14.71
N PRO B 101 4.75 9.83 14.23
CA PRO B 101 5.67 10.84 14.72
C PRO B 101 5.17 11.49 16.00
N PRO B 102 6.05 12.19 16.73
CA PRO B 102 5.59 12.89 17.92
C PRO B 102 4.66 14.04 17.54
N GLU B 103 3.79 14.48 18.46
CA GLU B 103 2.95 15.70 18.23
C GLU B 103 3.82 16.91 17.87
N THR B 115 -3.05 29.72 10.85
CA THR B 115 -1.96 28.81 10.53
C THR B 115 -2.37 27.36 10.78
N LEU B 116 -1.60 26.42 10.22
CA LEU B 116 -1.89 25.01 10.41
C LEU B 116 -0.80 24.27 11.19
N ASP B 117 -1.23 23.28 11.96
CA ASP B 117 -0.34 22.33 12.62
C ASP B 117 -0.52 20.98 11.92
N LEU B 118 0.41 20.70 11.02
CA LEU B 118 0.33 19.58 10.09
C LEU B 118 1.06 18.36 10.65
N ASN B 119 0.40 17.21 10.67
CA ASN B 119 1.14 15.98 11.02
C ASN B 119 0.64 14.79 10.22
N LEU B 120 1.42 13.71 10.27
CA LEU B 120 1.14 12.56 9.44
C LEU B 120 1.34 11.29 10.23
N SER B 121 0.66 10.22 9.82
CA SER B 121 1.09 8.91 10.22
C SER B 121 1.02 8.04 8.97
N ILE B 122 1.85 7.02 8.89
CA ILE B 122 1.91 6.24 7.65
C ILE B 122 1.92 4.74 7.94
N ASN B 123 1.45 3.97 6.96
CA ASN B 123 1.34 2.53 7.09
C ASN B 123 1.88 1.93 5.82
N ALA B 124 3.01 1.22 5.93
CA ALA B 124 3.62 0.60 4.77
C ALA B 124 3.43 -0.90 4.89
N CYS B 125 2.82 -1.51 3.88
CA CYS B 125 2.53 -2.95 3.93
C CYS B 125 3.22 -3.70 2.79
N ASP B 126 3.86 -4.83 3.14
CA ASP B 126 4.50 -5.71 2.14
C ASP B 126 3.72 -7.01 2.08
N LYS B 127 3.68 -7.61 0.89
CA LYS B 127 3.26 -9.01 0.81
C LYS B 127 4.19 -9.90 1.59
N LEU B 128 3.57 -10.75 2.42
CA LEU B 128 4.26 -11.81 3.15
C LEU B 128 3.72 -13.12 2.57
N ILE B 129 4.54 -13.78 1.78
CA ILE B 129 4.06 -14.89 0.96
C ILE B 129 4.55 -16.17 1.54
N PHE B 130 3.58 -16.98 1.99
CA PHE B 130 3.92 -18.27 2.57
C PHE B 130 4.06 -19.36 1.51
N ARG B 131 5.21 -20.01 1.45
CA ARG B 131 5.49 -21.05 0.44
C ARG B 131 5.72 -22.42 1.12
N PRO B 132 4.73 -23.30 1.00
CA PRO B 132 4.85 -24.67 1.50
C PRO B 132 6.11 -25.34 0.93
N ASP B 133 6.68 -26.26 1.69
CA ASP B 133 7.93 -26.88 1.30
C ASP B 133 7.77 -27.71 0.01
N ALA B 134 6.59 -28.25 -0.21
CA ALA B 134 6.31 -29.03 -1.43
C ALA B 134 5.99 -28.17 -2.65
N VAL B 135 5.96 -26.85 -2.48
CA VAL B 135 5.84 -25.94 -3.60
C VAL B 135 7.25 -25.53 -4.02
N LYS B 136 7.76 -26.18 -5.07
CA LYS B 136 9.18 -26.05 -5.43
C LYS B 136 9.47 -25.00 -6.45
N GLY B 137 10.71 -24.52 -6.43
CA GLY B 137 11.13 -23.46 -7.35
C GLY B 137 10.47 -22.12 -7.04
N THR B 138 10.40 -21.30 -8.08
CA THR B 138 9.93 -19.92 -7.94
C THR B 138 8.83 -19.63 -8.97
N PRO B 139 8.05 -18.56 -8.75
CA PRO B 139 7.05 -18.16 -9.79
C PRO B 139 7.72 -17.99 -11.15
N GLU B 140 8.88 -17.35 -11.21
CA GLU B 140 9.44 -17.05 -12.53
CA GLU B 140 9.54 -17.04 -12.49
C GLU B 140 9.84 -18.30 -13.31
N ASP B 141 10.15 -19.39 -12.61
CA ASP B 141 10.41 -20.69 -13.21
C ASP B 141 9.25 -21.19 -14.07
N VAL B 142 8.03 -20.85 -13.67
CA VAL B 142 6.79 -21.37 -14.29
C VAL B 142 5.88 -20.27 -14.85
N ALA B 143 6.36 -19.03 -14.89
CA ALA B 143 5.54 -17.87 -15.31
C ALA B 143 5.16 -17.90 -16.80
N GLY B 144 5.92 -18.66 -17.60
CA GLY B 144 5.59 -18.94 -19.00
C GLY B 144 4.39 -19.86 -19.14
N ASN B 145 3.84 -20.34 -18.03
CA ASN B 145 2.64 -21.18 -18.10
C ASN B 145 1.34 -20.44 -17.94
N LEU B 146 1.42 -19.12 -17.80
CA LEU B 146 0.24 -18.27 -17.76
C LEU B 146 -0.47 -18.39 -19.09
N ARG B 147 -1.79 -18.46 -19.08
CA ARG B 147 -2.59 -18.55 -20.31
C ARG B 147 -3.39 -17.26 -20.45
N TRP B 148 -3.41 -16.67 -21.64
CA TRP B 148 -4.08 -15.40 -21.88
C TRP B 148 -5.17 -15.60 -22.88
N VAL B 149 -6.29 -14.93 -22.65
CA VAL B 149 -7.43 -14.99 -23.54
C VAL B 149 -7.86 -13.55 -23.74
N GLU B 150 -8.09 -13.15 -24.98
CA GLU B 150 -8.60 -11.82 -25.30
C GLU B 150 -9.94 -11.96 -25.99
N THR B 151 -10.99 -11.38 -25.40
CA THR B 151 -12.26 -11.24 -26.10
C THR B 151 -12.73 -9.81 -25.93
N GLY B 152 -13.00 -9.15 -27.07
CA GLY B 152 -13.34 -7.74 -27.10
C GLY B 152 -12.31 -6.95 -26.33
N ASN B 153 -12.78 -6.12 -25.41
CA ASN B 153 -11.90 -5.30 -24.59
C ASN B 153 -11.39 -6.04 -23.36
N LYS B 154 -11.72 -7.32 -23.24
CA LYS B 154 -11.39 -8.07 -22.02
C LYS B 154 -10.13 -8.92 -22.17
N LEU B 155 -9.23 -8.78 -21.21
CA LEU B 155 -7.99 -9.50 -21.23
C LEU B 155 -8.05 -10.37 -19.99
N LYS B 156 -7.93 -11.68 -20.16
CA LYS B 156 -7.94 -12.57 -19.02
C LYS B 156 -6.63 -13.29 -18.98
N VAL B 157 -6.07 -13.38 -17.78
CA VAL B 157 -4.86 -14.13 -17.50
C VAL B 157 -5.24 -15.27 -16.56
N GLU B 158 -4.77 -16.47 -16.91
CA GLU B 158 -5.09 -17.68 -16.18
C GLU B 158 -3.80 -18.22 -15.62
N ASN B 159 -3.80 -18.43 -14.30
CA ASN B 159 -2.60 -18.92 -13.60
C ASN B 159 -2.81 -20.37 -13.10
N PRO B 160 -2.26 -21.36 -13.83
CA PRO B 160 -2.48 -22.77 -13.42
C PRO B 160 -1.41 -23.26 -12.41
N THR B 161 -0.65 -22.34 -11.83
CA THR B 161 0.47 -22.69 -10.97
C THR B 161 0.13 -22.47 -9.51
N PRO B 162 0.90 -23.09 -8.59
CA PRO B 162 0.74 -22.87 -7.14
C PRO B 162 1.21 -21.53 -6.59
N PHE B 163 1.61 -20.58 -7.45
CA PHE B 163 2.24 -19.34 -6.98
C PHE B 163 1.36 -18.13 -7.13
N TYR B 164 1.50 -17.16 -6.22
CA TYR B 164 1.06 -15.81 -6.57
C TYR B 164 1.93 -15.27 -7.69
N MET B 165 1.29 -14.67 -8.68
CA MET B 165 1.97 -14.15 -9.86
C MET B 165 1.86 -12.63 -9.82
N ASN B 166 2.95 -11.99 -9.46
CA ASN B 166 2.93 -10.56 -9.24
C ASN B 166 3.47 -9.96 -10.52
N LEU B 167 2.56 -9.57 -11.41
CA LEU B 167 2.95 -9.16 -12.75
C LEU B 167 3.40 -7.70 -12.81
N ALA B 168 4.47 -7.46 -13.57
CA ALA B 168 4.90 -6.10 -13.85
C ALA B 168 5.15 -5.93 -15.35
N SER B 169 5.15 -4.68 -15.81
CA SER B 169 5.54 -4.31 -17.18
C SER B 169 4.78 -5.13 -18.23
N VAL B 170 3.47 -5.36 -17.98
CA VAL B 170 2.58 -6.02 -18.94
C VAL B 170 2.22 -5.14 -20.18
N THR B 171 2.38 -5.68 -21.40
CA THR B 171 1.94 -4.97 -22.60
C THR B 171 1.13 -5.86 -23.54
N VAL B 172 0.20 -5.26 -24.28
CA VAL B 172 -0.59 -5.96 -25.27
C VAL B 172 -0.42 -5.23 -26.61
N GLY B 173 0.13 -5.94 -27.60
CA GLY B 173 0.59 -5.32 -28.84
C GLY B 173 1.40 -4.06 -28.57
N GLY B 174 2.27 -4.13 -27.57
CA GLY B 174 3.12 -3.01 -27.19
C GLY B 174 2.51 -1.93 -26.32
N LYS B 175 1.18 -1.94 -26.17
CA LYS B 175 0.46 -0.96 -25.35
C LYS B 175 0.51 -1.42 -23.88
N PRO B 176 1.01 -0.57 -22.97
CA PRO B 176 1.03 -0.85 -21.52
C PRO B 176 -0.36 -1.11 -20.91
N ILE B 177 -0.47 -2.22 -20.18
CA ILE B 177 -1.66 -2.57 -19.43
C ILE B 177 -1.40 -2.23 -17.98
N THR B 178 -2.17 -1.31 -17.42
CA THR B 178 -2.05 -1.00 -16.02
C THR B 178 -3.33 -1.52 -15.34
N GLY B 179 -3.22 -1.99 -14.11
CA GLY B 179 -4.43 -2.40 -13.39
C GLY B 179 -4.78 -3.88 -13.39
N LEU B 180 -3.89 -4.73 -13.91
CA LEU B 180 -4.03 -6.16 -13.64
C LEU B 180 -3.57 -6.34 -12.19
N GLU B 181 -4.43 -6.87 -11.32
CA GLU B 181 -4.04 -7.18 -9.94
C GLU B 181 -3.15 -8.42 -9.92
N TYR B 182 -2.44 -8.67 -8.81
CA TYR B 182 -1.69 -9.91 -8.67
C TYR B 182 -2.66 -11.09 -8.86
N VAL B 183 -2.18 -12.15 -9.48
CA VAL B 183 -2.98 -13.32 -9.78
C VAL B 183 -2.66 -14.44 -8.77
N PRO B 184 -3.65 -14.79 -7.92
CA PRO B 184 -3.40 -15.88 -6.96
C PRO B 184 -3.15 -17.24 -7.60
N PRO B 185 -2.68 -18.21 -6.76
CA PRO B 185 -2.51 -19.56 -7.25
C PRO B 185 -3.79 -20.12 -7.88
N PHE B 186 -3.67 -20.90 -8.97
CA PHE B 186 -4.83 -21.61 -9.53
C PHE B 186 -6.06 -20.68 -9.70
N ALA B 187 -5.78 -19.49 -10.24
CA ALA B 187 -6.78 -18.42 -10.25
C ALA B 187 -6.63 -17.65 -11.54
N ASP B 188 -7.65 -16.86 -11.90
CA ASP B 188 -7.63 -16.00 -13.07
C ASP B 188 -7.92 -14.57 -12.67
N LYS B 189 -7.49 -13.63 -13.50
CA LYS B 189 -7.85 -12.22 -13.42
C LYS B 189 -8.29 -11.73 -14.79
N THR B 190 -9.28 -10.85 -14.78
CA THR B 190 -9.85 -10.29 -16.02
C THR B 190 -9.85 -8.77 -15.90
N LEU B 191 -9.31 -8.12 -16.92
CA LEU B 191 -9.32 -6.65 -16.97
C LEU B 191 -9.95 -6.16 -18.27
N ASN B 192 -10.72 -5.07 -18.19
CA ASN B 192 -11.24 -4.40 -19.38
C ASN B 192 -10.13 -3.63 -20.09
N HIS B 198 -4.88 -5.04 -28.51
CA HIS B 198 -4.87 -6.38 -29.09
C HIS B 198 -3.49 -6.82 -29.57
N GLY B 199 -3.26 -8.13 -29.60
CA GLY B 199 -2.02 -8.70 -30.10
C GLY B 199 -1.22 -9.46 -29.06
N ASP B 200 0.07 -9.59 -29.29
CA ASP B 200 0.91 -10.42 -28.40
C ASP B 200 1.09 -9.79 -27.02
N ILE B 201 1.12 -10.62 -25.99
CA ILE B 201 1.26 -10.13 -24.65
C ILE B 201 2.69 -10.32 -24.23
N GLU B 202 3.22 -9.33 -23.51
CA GLU B 202 4.53 -9.44 -22.90
C GLU B 202 4.39 -9.05 -21.44
N TRP B 203 5.10 -9.75 -20.56
CA TRP B 203 5.04 -9.46 -19.15
C TRP B 203 6.31 -9.87 -18.44
N ARG B 204 6.46 -9.36 -17.23
CA ARG B 204 7.51 -9.77 -16.32
C ARG B 204 6.83 -10.08 -14.98
N VAL B 205 7.54 -10.77 -14.11
CA VAL B 205 7.06 -10.94 -12.76
C VAL B 205 8.04 -10.28 -11.80
N ILE B 206 7.52 -9.78 -10.70
CA ILE B 206 8.39 -9.29 -9.65
C ILE B 206 8.88 -10.55 -8.91
N THR B 207 10.20 -10.71 -8.84
CA THR B 207 10.81 -11.92 -8.26
C THR B 207 10.72 -11.93 -6.73
N ASP B 208 11.10 -13.06 -6.11
CA ASP B 208 11.22 -13.14 -4.66
C ASP B 208 12.15 -12.10 -4.05
N PHE B 209 13.03 -11.53 -4.86
CA PHE B 209 14.05 -10.59 -4.40
C PHE B 209 13.79 -9.15 -4.85
N GLY B 210 12.60 -8.91 -5.40
CA GLY B 210 12.11 -7.54 -5.63
C GLY B 210 12.32 -6.89 -6.98
N GLY B 211 13.19 -7.50 -7.80
CA GLY B 211 13.50 -6.97 -9.13
C GLY B 211 12.53 -7.63 -10.09
N GLU B 212 12.68 -7.33 -11.38
CA GLU B 212 11.81 -7.92 -12.39
C GLU B 212 12.53 -9.02 -13.15
N SER B 213 11.76 -10.05 -13.51
CA SER B 213 12.27 -11.19 -14.24
C SER B 213 12.58 -10.73 -15.66
N HIS B 214 13.16 -11.63 -16.44
CA HIS B 214 13.26 -11.45 -17.89
C HIS B 214 11.84 -11.48 -18.45
N PRO B 215 11.62 -10.93 -19.65
CA PRO B 215 10.27 -10.90 -20.18
C PRO B 215 9.76 -12.26 -20.65
N PHE B 216 8.45 -12.46 -20.57
CA PHE B 216 7.80 -13.61 -21.15
C PHE B 216 6.83 -13.12 -22.22
N HIS B 217 6.47 -14.00 -23.13
CA HIS B 217 5.61 -13.67 -24.26
C HIS B 217 4.49 -14.71 -24.43
N TYR B 218 3.36 -14.25 -24.97
CA TYR B 218 2.25 -15.14 -25.33
C TYR B 218 1.66 -14.61 -26.62
N VAL B 219 1.50 -15.50 -27.60
CA VAL B 219 1.04 -15.11 -28.92
C VAL B 219 -0.46 -15.36 -29.05
N LEU B 220 -1.17 -14.37 -29.61
CA LEU B 220 -2.51 -14.56 -30.17
C LEU B 220 -2.86 -13.39 -31.09
N LYS B 221 -4.32 -14.50 -26.64
#